data_6A1F
#
_entry.id   6A1F
#
_cell.length_a   99.341
_cell.length_b   69.806
_cell.length_c   67.332
_cell.angle_alpha   90.00
_cell.angle_beta   117.65
_cell.angle_gamma   90.00
#
_symmetry.space_group_name_H-M   'C 1 2 1'
#
loop_
_entity.id
_entity.type
_entity.pdbx_description
1 polymer 'Dual specificity tyrosine-phosphorylation-regulated kinase 1A'
2 non-polymer 'SULFATE ION'
3 non-polymer 8-methoxy-5,5-dimethyl-5,6-dihydrobenzo[h]quinazolin-4-amine
4 non-polymer 'TRIETHYLENE GLYCOL'
5 water water
#
_entity_poly.entity_id   1
_entity_poly.type   'polypeptide(L)'
_entity_poly.pdbx_seq_one_letter_code
;GPMSSHKKERKVYNDGYDDDNYDYIVKNGEKWMDRYEIDSLIGKGSFGQVVKAYDRVEQEWVAIKIIKNKKAFLNQAQIE
VRLLELMNKHDTEMKYYIVHLKRHFMFRNHLCLVFEMLSYNLYDLLRNTNFRGVSLNLTRKFAQQMCTALLFLATPELSI
IHCDLKPENILLCNPKRSAIKIVDFGSSCQLGQRIYQ(PTR)IQSRFYRSPEVLLGMPYDLAIDMWSLGCILVEMHTGEP
LFSGANEVDQMNKIVEVLGIPPAHILDQAPKARKFFEKLPDGTWNLKKTKDGKREYKPPGTRKLHNILGVETGGPGGRRA
GESGHTVADYLKFKDLILRMLDYDPKTRIQPYYALQHSFFKKTA
;
_entity_poly.pdbx_strand_id   A
#
loop_
_chem_comp.id
_chem_comp.type
_chem_comp.name
_chem_comp.formula
9OF non-polymer 8-methoxy-5,5-dimethyl-5,6-dihydrobenzo[h]quinazolin-4-amine 'C15 H17 N3 O'
PGE non-polymer 'TRIETHYLENE GLYCOL' 'C6 H14 O4'
SO4 non-polymer 'SULFATE ION' 'O4 S -2'
#
# COMPACT_ATOMS: atom_id res chain seq x y z
N LYS A 11 -34.47 -8.66 -18.03
CA LYS A 11 -33.54 -7.49 -18.21
C LYS A 11 -32.15 -7.97 -18.63
N VAL A 12 -31.58 -7.30 -19.63
CA VAL A 12 -30.32 -7.78 -20.24
C VAL A 12 -29.21 -6.74 -20.19
N TYR A 13 -28.02 -7.20 -19.80
CA TYR A 13 -26.86 -6.32 -19.69
C TYR A 13 -25.79 -6.78 -20.65
N ASN A 14 -25.35 -5.88 -21.51
CA ASN A 14 -24.28 -6.14 -22.47
C ASN A 14 -24.56 -7.40 -23.27
N ASP A 15 -25.77 -7.48 -23.79
CA ASP A 15 -26.16 -8.58 -24.66
C ASP A 15 -26.12 -9.92 -23.97
N GLY A 16 -26.25 -9.89 -22.65
CA GLY A 16 -26.29 -11.07 -21.81
C GLY A 16 -24.93 -11.47 -21.23
N TYR A 17 -23.87 -10.75 -21.62
CA TYR A 17 -22.53 -11.07 -21.10
C TYR A 17 -22.25 -10.60 -19.67
N ASP A 18 -23.02 -9.62 -19.20
CA ASP A 18 -22.75 -8.96 -17.91
C ASP A 18 -23.87 -9.20 -16.94
N ASP A 19 -23.54 -9.08 -15.66
CA ASP A 19 -24.53 -9.01 -14.61
C ASP A 19 -25.04 -7.55 -14.41
N ASP A 20 -25.89 -7.34 -13.39
CA ASP A 20 -26.48 -6.02 -13.18
C ASP A 20 -25.52 -5.05 -12.52
N ASN A 21 -24.32 -5.52 -12.22
CA ASN A 21 -23.30 -4.74 -11.55
C ASN A 21 -22.15 -4.44 -12.54
N TYR A 22 -22.43 -4.70 -13.81
CA TYR A 22 -21.52 -4.52 -14.96
C TYR A 22 -20.24 -5.34 -14.93
N ASP A 23 -20.28 -6.40 -14.15
CA ASP A 23 -19.21 -7.39 -14.17
C ASP A 23 -19.46 -8.39 -15.29
N TYR A 24 -18.41 -8.78 -16.00
CA TYR A 24 -18.51 -9.91 -16.93
C TYR A 24 -18.90 -11.19 -16.19
N ILE A 25 -19.86 -11.94 -16.70
CA ILE A 25 -20.21 -13.17 -16.02
C ILE A 25 -19.21 -14.25 -16.40
N VAL A 26 -18.32 -14.56 -15.47
CA VAL A 26 -17.22 -15.49 -15.72
C VAL A 26 -17.73 -16.92 -15.87
N LYS A 27 -17.24 -17.59 -16.90
CA LYS A 27 -17.60 -18.98 -17.19
C LYS A 27 -16.31 -19.80 -17.24
N ASN A 28 -16.19 -20.78 -16.35
CA ASN A 28 -15.06 -21.68 -16.34
C ASN A 28 -14.92 -22.36 -17.67
N GLY A 29 -13.70 -22.37 -18.21
CA GLY A 29 -13.42 -23.05 -19.45
C GLY A 29 -13.63 -22.28 -20.72
N GLU A 30 -14.16 -21.05 -20.65
CA GLU A 30 -14.45 -20.30 -21.84
C GLU A 30 -13.16 -19.95 -22.58
N LYS A 31 -13.24 -19.87 -23.90
CA LYS A 31 -12.11 -19.49 -24.72
C LYS A 31 -12.34 -18.11 -25.29
N TRP A 32 -11.31 -17.28 -25.23
CA TRP A 32 -11.39 -15.91 -25.71
C TRP A 32 -10.39 -15.68 -26.79
N MET A 33 -10.87 -15.13 -27.90
CA MET A 33 -9.98 -14.57 -28.93
C MET A 33 -9.02 -15.62 -29.47
N ASP A 34 -9.44 -16.88 -29.44
CA ASP A 34 -8.66 -17.95 -29.97
C ASP A 34 -7.26 -17.95 -29.30
N ARG A 35 -7.25 -17.61 -28.02
CA ARG A 35 -5.98 -17.44 -27.31
C ARG A 35 -6.04 -17.83 -25.84
N TYR A 36 -7.00 -17.32 -25.10
CA TYR A 36 -7.00 -17.54 -23.65
C TYR A 36 -8.05 -18.54 -23.26
N GLU A 37 -7.69 -19.49 -22.42
CA GLU A 37 -8.69 -20.38 -21.84
C GLU A 37 -8.85 -19.94 -20.39
N ILE A 38 -10.06 -19.49 -20.04
CA ILE A 38 -10.31 -19.06 -18.68
C ILE A 38 -10.45 -20.29 -17.79
N ASP A 39 -9.64 -20.36 -16.75
CA ASP A 39 -9.66 -21.52 -15.86
C ASP A 39 -10.58 -21.31 -14.70
N SER A 40 -10.38 -20.23 -13.96
CA SER A 40 -11.08 -20.01 -12.70
C SER A 40 -11.03 -18.55 -12.29
N LEU A 41 -11.97 -18.16 -11.45
CA LEU A 41 -11.93 -16.85 -10.79
C LEU A 41 -10.97 -16.96 -9.63
N ILE A 42 -10.08 -15.98 -9.48
CA ILE A 42 -9.11 -15.96 -8.38
C ILE A 42 -9.18 -14.69 -7.54
N GLY A 43 -10.07 -13.77 -7.93
CA GLY A 43 -10.21 -12.54 -7.13
C GLY A 43 -11.34 -11.67 -7.63
N LYS A 44 -11.84 -10.80 -6.75
CA LYS A 44 -12.95 -9.92 -7.12
C LYS A 44 -12.84 -8.69 -6.24
N GLY A 45 -13.18 -7.56 -6.84
CA GLY A 45 -13.14 -6.29 -6.07
C GLY A 45 -13.92 -5.23 -6.78
N SER A 46 -13.76 -3.99 -6.31
CA SER A 46 -14.58 -2.91 -6.81
C SER A 46 -14.41 -2.72 -8.32
N PHE A 47 -13.19 -2.96 -8.79
CA PHE A 47 -12.87 -2.75 -10.21
C PHE A 47 -13.47 -3.77 -11.17
N GLY A 48 -13.85 -4.94 -10.65
CA GLY A 48 -14.13 -6.08 -11.51
C GLY A 48 -13.64 -7.39 -10.92
N GLN A 49 -13.04 -8.21 -11.76
CA GLN A 49 -12.68 -9.59 -11.37
C GLN A 49 -11.31 -9.93 -11.87
N VAL A 50 -10.69 -10.95 -11.26
CA VAL A 50 -9.39 -11.44 -11.72
C VAL A 50 -9.53 -12.94 -11.97
N VAL A 51 -9.18 -13.37 -13.15
CA VAL A 51 -9.21 -14.80 -13.50
C VAL A 51 -7.83 -15.34 -13.77
N LYS A 52 -7.64 -16.62 -13.43
CA LYS A 52 -6.49 -17.38 -13.93
C LYS A 52 -6.87 -17.93 -15.31
N ALA A 53 -6.00 -17.73 -16.28
CA ALA A 53 -6.27 -18.16 -17.66
C ALA A 53 -4.99 -18.72 -18.24
N TYR A 54 -5.14 -19.64 -19.20
CA TYR A 54 -3.95 -20.10 -19.92
C TYR A 54 -3.83 -19.33 -21.21
N ASP A 55 -2.69 -18.69 -21.42
CA ASP A 55 -2.38 -18.04 -22.69
C ASP A 55 -1.78 -19.09 -23.60
N ARG A 56 -2.58 -19.52 -24.55
CA ARG A 56 -2.16 -20.58 -25.46
C ARG A 56 -1.07 -20.13 -26.41
N VAL A 57 -0.98 -18.83 -26.70
CA VAL A 57 0.03 -18.32 -27.60
C VAL A 57 1.41 -18.31 -26.94
N GLU A 58 1.50 -17.81 -25.73
CA GLU A 58 2.77 -17.79 -25.00
C GLU A 58 3.02 -19.02 -24.14
N GLN A 59 2.03 -19.92 -24.12
CA GLN A 59 2.11 -21.16 -23.39
C GLN A 59 2.48 -20.96 -21.92
N GLU A 60 1.66 -20.12 -21.26
CA GLU A 60 1.89 -19.84 -19.83
C GLU A 60 0.60 -19.43 -19.17
N TRP A 61 0.54 -19.61 -17.87
CA TRP A 61 -0.55 -19.09 -17.09
C TRP A 61 -0.41 -17.62 -16.92
N VAL A 62 -1.56 -16.94 -16.94
CA VAL A 62 -1.60 -15.49 -16.70
C VAL A 62 -2.76 -15.15 -15.78
N ALA A 63 -2.73 -13.95 -15.19
CA ALA A 63 -3.90 -13.42 -14.50
C ALA A 63 -4.49 -12.33 -15.35
N ILE A 64 -5.80 -12.41 -15.59
CA ILE A 64 -6.45 -11.34 -16.37
C ILE A 64 -7.36 -10.57 -15.43
N LYS A 65 -7.13 -9.27 -15.33
CA LYS A 65 -7.96 -8.38 -14.54
C LYS A 65 -9.05 -7.86 -15.50
N ILE A 66 -10.30 -8.25 -15.28
CA ILE A 66 -11.41 -7.95 -16.18
C ILE A 66 -12.14 -6.78 -15.54
N ILE A 67 -11.99 -5.60 -16.15
CA ILE A 67 -12.57 -4.38 -15.58
C ILE A 67 -14.06 -4.31 -15.87
N LYS A 68 -14.82 -3.80 -14.91
CA LYS A 68 -16.24 -3.54 -15.11
C LYS A 68 -16.53 -2.71 -16.36
N ASN A 69 -17.68 -3.02 -16.99
CA ASN A 69 -18.10 -2.33 -18.18
C ASN A 69 -18.87 -1.10 -17.77
N LYS A 70 -18.13 -0.08 -17.36
CA LYS A 70 -18.68 1.13 -16.76
C LYS A 70 -17.59 2.18 -16.93
N LYS A 71 -17.94 3.34 -17.46
CA LYS A 71 -16.95 4.35 -17.75
C LYS A 71 -15.97 4.69 -16.61
N ALA A 72 -16.47 4.83 -15.39
CA ALA A 72 -15.56 5.22 -14.32
C ALA A 72 -14.52 4.15 -14.05
N PHE A 73 -14.93 2.87 -14.19
CA PHE A 73 -13.96 1.79 -13.95
C PHE A 73 -13.05 1.62 -15.14
N LEU A 74 -13.58 1.71 -16.34
CA LEU A 74 -12.76 1.69 -17.54
C LEU A 74 -11.67 2.76 -17.49
N ASN A 75 -12.04 4.01 -17.18
CA ASN A 75 -11.07 5.06 -17.19
C ASN A 75 -10.03 4.95 -16.08
N GLN A 76 -10.44 4.48 -14.89
CA GLN A 76 -9.48 4.19 -13.84
C GLN A 76 -8.43 3.15 -14.35
N ALA A 77 -8.91 2.11 -15.05
CA ALA A 77 -8.00 1.10 -15.58
C ALA A 77 -7.14 1.60 -16.73
N GLN A 78 -7.66 2.57 -17.49
CA GLN A 78 -6.82 3.14 -18.56
C GLN A 78 -5.66 3.95 -17.97
N ILE A 79 -5.89 4.64 -16.85
CA ILE A 79 -4.79 5.32 -16.15
C ILE A 79 -3.78 4.27 -15.68
N GLU A 80 -4.27 3.15 -15.13
CA GLU A 80 -3.39 2.10 -14.66
C GLU A 80 -2.57 1.56 -15.82
N VAL A 81 -3.20 1.30 -16.98
CA VAL A 81 -2.47 0.78 -18.13
C VAL A 81 -1.35 1.74 -18.54
N ARG A 82 -1.64 3.05 -18.60
CA ARG A 82 -0.61 3.96 -19.04
C ARG A 82 0.56 3.99 -18.07
N LEU A 83 0.29 3.93 -16.76
CA LEU A 83 1.37 3.97 -15.80
C LEU A 83 2.18 2.68 -15.83
N LEU A 84 1.52 1.53 -15.96
CA LEU A 84 2.24 0.26 -16.05
C LEU A 84 3.07 0.21 -17.32
N GLU A 85 2.56 0.71 -18.44
CA GLU A 85 3.36 0.76 -19.68
C GLU A 85 4.57 1.65 -19.51
N LEU A 86 4.41 2.79 -18.84
CA LEU A 86 5.54 3.68 -18.62
C LEU A 86 6.56 2.97 -17.76
N MET A 87 6.12 2.32 -16.68
CA MET A 87 7.03 1.57 -15.77
C MET A 87 7.74 0.49 -16.60
N ASN A 88 7.04 -0.13 -17.56
CA ASN A 88 7.65 -1.12 -18.48
C ASN A 88 8.76 -0.64 -19.34
N LYS A 89 8.61 0.54 -19.91
CA LYS A 89 9.66 1.06 -20.73
C LYS A 89 10.95 1.03 -19.87
N HIS A 90 10.79 1.23 -18.56
CA HIS A 90 11.92 1.55 -17.67
C HIS A 90 12.42 0.49 -16.70
N ASP A 91 11.89 -0.75 -16.77
CA ASP A 91 12.30 -1.89 -15.90
C ASP A 91 12.09 -3.20 -16.66
N THR A 92 12.86 -3.39 -17.72
CA THR A 92 12.67 -4.56 -18.58
C THR A 92 13.12 -5.89 -17.98
N GLU A 93 14.01 -5.82 -16.98
CA GLU A 93 14.49 -7.02 -16.30
C GLU A 93 13.61 -7.39 -15.09
N MET A 94 12.59 -6.55 -14.84
CA MET A 94 11.65 -6.75 -13.71
C MET A 94 12.38 -6.85 -12.38
N LYS A 95 13.26 -5.91 -12.13
CA LYS A 95 14.10 -5.87 -10.94
C LYS A 95 13.57 -5.00 -9.81
N TYR A 96 12.50 -4.24 -10.09
CA TYR A 96 12.03 -3.21 -9.14
C TYR A 96 10.69 -3.45 -8.47
N TYR A 97 10.17 -4.69 -8.55
CA TYR A 97 9.08 -5.09 -7.64
C TYR A 97 7.69 -4.47 -7.97
N ILE A 98 7.48 -4.15 -9.22
CA ILE A 98 6.16 -3.71 -9.71
C ILE A 98 5.62 -4.84 -10.55
N VAL A 99 4.33 -5.16 -10.38
CA VAL A 99 3.73 -6.22 -11.22
C VAL A 99 3.89 -5.90 -12.70
N HIS A 100 4.13 -6.95 -13.48
CA HIS A 100 4.33 -6.80 -14.91
C HIS A 100 3.04 -6.98 -15.70
N LEU A 101 2.68 -5.89 -16.40
CA LEU A 101 1.57 -5.92 -17.37
C LEU A 101 2.10 -6.42 -18.67
N LYS A 102 1.59 -7.57 -19.12
CA LYS A 102 2.01 -8.15 -20.39
C LYS A 102 1.37 -7.47 -21.60
N ARG A 103 0.06 -7.22 -21.53
CA ARG A 103 -0.69 -6.60 -22.63
C ARG A 103 -2.07 -6.31 -22.10
N HIS A 104 -2.88 -5.62 -22.90
CA HIS A 104 -4.26 -5.36 -22.57
C HIS A 104 -5.08 -5.51 -23.81
N PHE A 105 -6.38 -5.65 -23.66
CA PHE A 105 -7.28 -5.71 -24.81
C PHE A 105 -8.68 -5.38 -24.35
N MET A 106 -9.53 -5.05 -25.32
CA MET A 106 -10.94 -4.86 -25.05
C MET A 106 -11.68 -6.13 -25.49
N PHE A 107 -12.46 -6.72 -24.59
CA PHE A 107 -13.19 -7.95 -24.88
C PHE A 107 -14.61 -7.83 -24.39
N ARG A 108 -15.55 -7.90 -25.33
CA ARG A 108 -16.97 -7.81 -24.99
C ARG A 108 -17.27 -6.63 -24.07
N ASN A 109 -16.72 -5.47 -24.42
CA ASN A 109 -16.91 -4.22 -23.69
C ASN A 109 -16.30 -4.19 -22.29
N HIS A 110 -15.32 -5.07 -22.05
CA HIS A 110 -14.51 -5.01 -20.81
C HIS A 110 -13.07 -4.81 -21.16
N LEU A 111 -12.46 -3.79 -20.56
CA LEU A 111 -11.02 -3.70 -20.65
C LEU A 111 -10.39 -4.82 -19.80
N CYS A 112 -9.44 -5.51 -20.40
CA CYS A 112 -8.80 -6.64 -19.73
C CYS A 112 -7.29 -6.42 -19.71
N LEU A 113 -6.73 -6.51 -18.53
CA LEU A 113 -5.30 -6.32 -18.34
C LEU A 113 -4.68 -7.69 -18.05
N VAL A 114 -3.68 -8.07 -18.85
CA VAL A 114 -3.07 -9.42 -18.68
C VAL A 114 -1.77 -9.26 -17.91
N PHE A 115 -1.68 -9.90 -16.76
CA PHE A 115 -0.50 -9.82 -15.91
C PHE A 115 0.16 -11.16 -15.75
N GLU A 116 1.41 -11.13 -15.30
CA GLU A 116 2.00 -12.30 -14.74
C GLU A 116 1.12 -12.77 -13.57
N MET A 117 1.04 -14.06 -13.39
CA MET A 117 0.27 -14.60 -12.29
C MET A 117 1.03 -14.55 -10.98
N LEU A 118 0.43 -13.91 -9.98
CA LEU A 118 1.00 -13.80 -8.62
C LEU A 118 0.17 -14.64 -7.63
N SER A 119 0.70 -14.72 -6.41
CA SER A 119 0.04 -15.45 -5.32
C SER A 119 -0.84 -14.46 -4.53
N TYR A 120 -1.10 -14.77 -3.26
CA TYR A 120 -2.02 -13.96 -2.47
C TYR A 120 -1.34 -12.69 -1.92
N ASN A 121 -2.15 -11.82 -1.36
CA ASN A 121 -1.64 -10.49 -0.91
C ASN A 121 -1.19 -10.52 0.56
N LEU A 122 -0.57 -9.43 0.99
CA LEU A 122 -0.02 -9.41 2.33
C LEU A 122 -1.03 -9.36 3.44
N TYR A 123 -2.26 -8.92 3.15
CA TYR A 123 -3.33 -9.09 4.13
C TYR A 123 -3.69 -10.55 4.28
N ASP A 124 -3.77 -11.27 3.18
CA ASP A 124 -3.98 -12.74 3.26
C ASP A 124 -2.86 -13.38 4.04
N LEU A 125 -1.65 -12.87 3.89
CA LEU A 125 -0.53 -13.45 4.62
C LEU A 125 -0.73 -13.16 6.11
N LEU A 126 -1.16 -11.96 6.48
CA LEU A 126 -1.43 -11.63 7.87
C LEU A 126 -2.52 -12.53 8.45
N ARG A 127 -3.56 -12.79 7.67
CA ARG A 127 -4.63 -13.72 8.11
C ARG A 127 -4.02 -15.08 8.37
N ASN A 128 -3.06 -15.49 7.52
CA ASN A 128 -2.43 -16.80 7.67
C ASN A 128 -1.56 -16.91 8.89
N THR A 129 -1.15 -15.76 9.45
CA THR A 129 -0.43 -15.75 10.73
C THR A 129 -1.40 -15.66 11.88
N ASN A 130 -2.68 -15.79 11.62
CA ASN A 130 -3.72 -15.58 12.63
C ASN A 130 -3.63 -14.19 13.23
N PHE A 131 -3.20 -13.24 12.39
CA PHE A 131 -3.05 -11.84 12.79
C PHE A 131 -2.06 -11.64 13.95
N ARG A 132 -1.04 -12.50 13.99
CA ARG A 132 0.03 -12.37 14.98
C ARG A 132 1.27 -11.77 14.38
N GLY A 133 1.31 -11.65 13.04
CA GLY A 133 2.44 -10.98 12.37
C GLY A 133 3.45 -11.95 11.84
N VAL A 134 4.27 -11.46 10.91
CA VAL A 134 5.44 -12.20 10.43
C VAL A 134 6.69 -11.80 11.17
N SER A 135 7.75 -12.60 11.02
CA SER A 135 8.98 -12.36 11.75
C SER A 135 9.62 -11.02 11.38
N LEU A 136 10.47 -10.52 12.25
CA LEU A 136 11.21 -9.30 11.92
C LEU A 136 12.09 -9.51 10.68
N ASN A 137 12.64 -10.71 10.51
CA ASN A 137 13.45 -11.01 9.33
C ASN A 137 12.64 -10.94 8.04
N LEU A 138 11.40 -11.46 8.08
CA LEU A 138 10.59 -11.39 6.86
C LEU A 138 10.08 -9.96 6.65
N THR A 139 9.76 -9.25 7.74
CA THR A 139 9.40 -7.82 7.64
C THR A 139 10.54 -7.05 6.97
N ARG A 140 11.78 -7.33 7.34
CA ARG A 140 12.92 -6.65 6.71
C ARG A 140 13.01 -6.96 5.22
N LYS A 141 12.79 -8.19 4.80
CA LYS A 141 12.79 -8.51 3.37
C LYS A 141 11.69 -7.74 2.65
N PHE A 142 10.48 -7.65 3.23
CA PHE A 142 9.45 -6.87 2.61
C PHE A 142 9.84 -5.40 2.57
N ALA A 143 10.42 -4.89 3.63
CA ALA A 143 10.81 -3.48 3.66
C ALA A 143 11.82 -3.18 2.59
N GLN A 144 12.80 -4.05 2.40
CA GLN A 144 13.87 -3.78 1.42
C GLN A 144 13.28 -3.72 0.04
N GLN A 145 12.36 -4.65 -0.28
CA GLN A 145 11.77 -4.71 -1.60
C GLN A 145 10.85 -3.52 -1.82
N MET A 146 10.07 -3.13 -0.79
CA MET A 146 9.21 -1.95 -0.96
C MET A 146 9.99 -0.67 -1.10
N CYS A 147 11.09 -0.51 -0.38
CA CYS A 147 11.87 0.73 -0.53
C CYS A 147 12.51 0.75 -1.91
N THR A 148 12.92 -0.39 -2.44
CA THR A 148 13.43 -0.46 -3.82
C THR A 148 12.39 -0.05 -4.84
N ALA A 149 11.16 -0.53 -4.66
CA ALA A 149 10.06 -0.14 -5.53
C ALA A 149 9.83 1.37 -5.47
N LEU A 150 9.85 1.93 -4.24
CA LEU A 150 9.60 3.36 -4.09
C LEU A 150 10.72 4.16 -4.73
N LEU A 151 11.95 3.63 -4.67
CA LEU A 151 13.09 4.30 -5.33
C LEU A 151 12.85 4.37 -6.84
N PHE A 152 12.37 3.27 -7.42
CA PHE A 152 12.06 3.24 -8.83
C PHE A 152 10.93 4.21 -9.21
N LEU A 153 9.84 4.22 -8.42
CA LEU A 153 8.72 5.13 -8.71
C LEU A 153 9.17 6.58 -8.63
N ALA A 154 10.20 6.86 -7.83
CA ALA A 154 10.68 8.24 -7.66
C ALA A 154 11.65 8.67 -8.75
N THR A 155 12.02 7.77 -9.64
CA THR A 155 12.93 8.18 -10.78
C THR A 155 12.17 9.25 -11.56
N PRO A 156 12.85 10.33 -11.97
CA PRO A 156 12.13 11.50 -12.48
C PRO A 156 11.22 11.24 -13.68
N GLU A 157 11.60 10.36 -14.59
CA GLU A 157 10.72 10.08 -15.74
C GLU A 157 9.43 9.37 -15.33
N LEU A 158 9.42 8.76 -14.15
CA LEU A 158 8.17 8.19 -13.60
C LEU A 158 7.51 9.17 -12.69
N SER A 159 8.15 9.49 -11.58
CA SER A 159 7.60 10.36 -10.55
C SER A 159 6.19 9.95 -10.16
N ILE A 160 6.02 8.65 -9.92
CA ILE A 160 4.67 8.09 -9.67
C ILE A 160 4.41 8.03 -8.16
N ILE A 161 3.27 8.57 -7.75
CA ILE A 161 2.77 8.41 -6.39
C ILE A 161 1.73 7.30 -6.45
N HIS A 162 1.95 6.18 -5.77
CA HIS A 162 0.98 5.08 -5.86
C HIS A 162 -0.36 5.48 -5.30
N CYS A 163 -0.35 6.14 -4.13
CA CYS A 163 -1.55 6.72 -3.49
C CYS A 163 -2.49 5.75 -2.84
N ASP A 164 -2.24 4.45 -2.89
CA ASP A 164 -3.10 3.49 -2.20
C ASP A 164 -2.31 2.29 -1.73
N LEU A 165 -1.17 2.52 -1.12
CA LEU A 165 -0.40 1.39 -0.58
C LEU A 165 -1.07 0.89 0.69
N LYS A 166 -1.20 -0.43 0.76
CA LYS A 166 -1.81 -1.10 1.89
C LYS A 166 -1.49 -2.58 1.68
N PRO A 167 -1.61 -3.43 2.73
CA PRO A 167 -1.21 -4.82 2.58
C PRO A 167 -1.92 -5.53 1.41
N GLU A 168 -3.16 -5.16 1.17
CA GLU A 168 -3.91 -5.82 0.09
C GLU A 168 -3.34 -5.51 -1.29
N ASN A 169 -2.56 -4.44 -1.43
CA ASN A 169 -2.00 -4.07 -2.74
C ASN A 169 -0.54 -4.44 -2.90
N ILE A 170 -0.08 -5.35 -2.03
CA ILE A 170 1.24 -5.94 -2.18
C ILE A 170 1.04 -7.46 -2.26
N LEU A 171 1.51 -8.09 -3.34
CA LEU A 171 1.28 -9.56 -3.54
C LEU A 171 2.57 -10.32 -3.51
N LEU A 172 2.50 -11.53 -2.94
CA LEU A 172 3.61 -12.47 -3.04
C LEU A 172 3.69 -13.02 -4.44
N CYS A 173 4.88 -13.20 -4.96
CA CYS A 173 5.08 -13.92 -6.26
C CYS A 173 4.72 -15.40 -6.14
N ASN A 174 5.11 -16.01 -5.02
CA ASN A 174 5.01 -17.45 -4.76
CA ASN A 174 4.97 -17.43 -4.77
C ASN A 174 4.66 -17.62 -3.30
N PRO A 175 3.76 -18.54 -2.98
CA PRO A 175 3.36 -18.65 -1.58
C PRO A 175 4.50 -19.08 -0.64
N LYS A 176 5.49 -19.80 -1.15
CA LYS A 176 6.53 -20.27 -0.26
C LYS A 176 7.58 -19.20 0.10
N ARG A 177 7.50 -18.04 -0.54
CA ARG A 177 8.70 -17.18 -0.73
C ARG A 177 8.47 -15.71 -0.40
N SER A 178 9.57 -14.94 -0.24
CA SER A 178 9.45 -13.59 0.27
C SER A 178 9.29 -12.54 -0.83
N ALA A 179 9.43 -12.93 -2.10
CA ALA A 179 9.41 -11.96 -3.21
C ALA A 179 8.03 -11.34 -3.35
N ILE A 180 7.98 -10.03 -3.50
CA ILE A 180 6.69 -9.32 -3.60
C ILE A 180 6.67 -8.40 -4.80
N LYS A 181 5.45 -8.04 -5.21
CA LYS A 181 5.23 -6.98 -6.23
C LYS A 181 4.13 -6.07 -5.74
N ILE A 182 4.27 -4.78 -6.01
CA ILE A 182 3.18 -3.80 -5.82
C ILE A 182 2.22 -3.89 -6.98
N VAL A 183 0.92 -3.83 -6.66
CA VAL A 183 -0.16 -3.82 -7.65
C VAL A 183 -1.08 -2.63 -7.46
N ASP A 184 -1.99 -2.47 -8.41
CA ASP A 184 -3.12 -1.51 -8.33
C ASP A 184 -2.72 -0.08 -8.43
N PHE A 185 -2.48 0.34 -9.66
CA PHE A 185 -2.09 1.73 -9.92
C PHE A 185 -3.24 2.58 -10.44
N GLY A 186 -4.46 2.09 -10.22
CA GLY A 186 -5.66 2.83 -10.71
C GLY A 186 -5.88 4.17 -10.01
N SER A 187 -5.46 4.34 -8.75
CA SER A 187 -5.64 5.58 -8.02
CA SER A 187 -5.62 5.59 -8.03
C SER A 187 -4.35 6.43 -8.00
N SER A 188 -3.38 6.02 -8.83
CA SER A 188 -2.08 6.69 -8.85
C SER A 188 -2.04 7.95 -9.64
N CYS A 189 -0.96 8.71 -9.47
CA CYS A 189 -0.75 9.91 -10.29
C CYS A 189 0.71 10.20 -10.36
N GLN A 190 1.07 11.22 -11.12
CA GLN A 190 2.47 11.66 -11.21
C GLN A 190 2.64 13.01 -10.60
N LEU A 191 3.82 13.27 -10.08
CA LEU A 191 4.14 14.58 -9.51
C LEU A 191 3.95 15.60 -10.65
N GLY A 192 3.42 16.76 -10.32
CA GLY A 192 3.20 17.77 -11.37
C GLY A 192 2.02 17.47 -12.30
N GLN A 193 1.33 16.36 -12.05
CA GLN A 193 -0.01 16.13 -12.56
C GLN A 193 -0.89 15.62 -11.43
N ARG A 194 -0.72 16.23 -10.24
CA ARG A 194 -1.51 15.84 -9.06
C ARG A 194 -2.90 16.47 -9.22
N ILE A 195 -3.93 15.65 -9.10
CA ILE A 195 -5.32 16.13 -9.30
C ILE A 195 -6.17 15.90 -8.06
N TYR A 196 -5.92 14.80 -7.37
CA TYR A 196 -6.76 14.38 -6.26
C TYR A 196 -6.50 15.10 -4.95
N GLN A 197 -7.55 15.48 -4.26
CA GLN A 197 -7.44 16.03 -2.91
C GLN A 197 -7.71 14.95 -1.89
N PTR A 198 -8.52 13.95 -2.27
CA PTR A 198 -8.96 12.86 -1.40
C PTR A 198 -8.29 11.60 -1.90
O PTR A 198 -8.49 11.15 -2.99
CB PTR A 198 -10.52 12.74 -1.34
CG PTR A 198 -11.21 14.01 -0.88
CD1 PTR A 198 -11.30 14.37 0.46
CD2 PTR A 198 -11.79 14.83 -1.88
CE1 PTR A 198 -12.00 15.57 0.80
CE2 PTR A 198 -12.45 16.00 -1.52
CZ PTR A 198 -12.55 16.36 -0.19
OH PTR A 198 -13.22 17.53 0.16
P PTR A 198 -12.47 18.91 0.46
O1P PTR A 198 -11.81 19.32 -0.84
O2P PTR A 198 -11.44 18.56 1.55
O3P PTR A 198 -13.58 19.85 0.90
N ILE A 199 -7.36 11.09 -1.09
CA ILE A 199 -6.56 9.94 -1.51
C ILE A 199 -6.13 9.15 -0.29
N GLN A 200 -5.69 7.90 -0.57
CA GLN A 200 -5.11 6.92 0.36
C GLN A 200 -6.19 6.24 1.18
N SER A 201 -6.04 4.97 1.43
CA SER A 201 -6.99 4.32 2.34
C SER A 201 -6.74 4.81 3.75
N ARG A 202 -7.80 4.92 4.55
CA ARG A 202 -7.74 5.69 5.77
C ARG A 202 -6.62 5.29 6.75
N PHE A 203 -6.44 3.99 6.98
CA PHE A 203 -5.47 3.59 7.96
C PHE A 203 -4.05 3.98 7.54
N TYR A 204 -3.85 4.14 6.23
CA TYR A 204 -2.52 4.38 5.67
C TYR A 204 -2.38 5.80 5.16
N ARG A 205 -3.32 6.67 5.53
CA ARG A 205 -3.35 8.02 4.98
C ARG A 205 -2.40 8.96 5.74
N SER A 206 -1.59 9.71 5.00
CA SER A 206 -0.57 10.55 5.58
C SER A 206 -1.17 11.79 6.24
N PRO A 207 -0.44 12.38 7.17
CA PRO A 207 -0.95 13.61 7.82
C PRO A 207 -1.12 14.76 6.84
N GLU A 208 -0.26 14.90 5.86
CA GLU A 208 -0.45 16.00 4.89
C GLU A 208 -1.77 15.88 4.15
N VAL A 209 -2.20 14.68 3.80
CA VAL A 209 -3.49 14.51 3.15
C VAL A 209 -4.65 14.75 4.13
N LEU A 210 -4.56 14.22 5.36
CA LEU A 210 -5.56 14.51 6.39
C LEU A 210 -5.74 16.00 6.62
N LEU A 211 -4.64 16.74 6.53
CA LEU A 211 -4.64 18.18 6.82
C LEU A 211 -4.96 19.03 5.62
N GLY A 212 -5.16 18.40 4.47
CA GLY A 212 -5.48 19.19 3.28
C GLY A 212 -4.31 19.97 2.73
N MET A 213 -3.09 19.50 2.98
CA MET A 213 -1.87 20.17 2.50
C MET A 213 -1.32 19.60 1.18
N PRO A 214 -0.37 20.32 0.54
CA PRO A 214 0.29 19.75 -0.64
C PRO A 214 0.96 18.42 -0.34
N TYR A 215 0.99 17.55 -1.32
CA TYR A 215 1.58 16.22 -1.11
C TYR A 215 2.47 15.86 -2.27
N ASP A 216 3.32 14.86 -2.04
CA ASP A 216 4.25 14.35 -3.06
C ASP A 216 4.52 12.89 -2.79
N LEU A 217 5.63 12.36 -3.31
CA LEU A 217 5.87 10.93 -3.22
C LEU A 217 6.06 10.48 -1.76
N ALA A 218 6.33 11.42 -0.86
CA ALA A 218 6.46 11.06 0.56
C ALA A 218 5.22 10.45 1.20
N ILE A 219 4.06 10.63 0.58
CA ILE A 219 2.88 10.03 1.18
C ILE A 219 2.94 8.50 1.14
N ASP A 220 3.63 7.95 0.13
CA ASP A 220 3.79 6.49 0.02
C ASP A 220 4.73 5.95 1.08
N MET A 221 5.73 6.76 1.47
CA MET A 221 6.61 6.33 2.54
C MET A 221 5.91 6.28 3.87
N TRP A 222 5.01 7.22 4.12
CA TRP A 222 4.17 7.15 5.32
C TRP A 222 3.39 5.86 5.32
N SER A 223 2.70 5.58 4.21
CA SER A 223 1.93 4.33 4.15
C SER A 223 2.85 3.15 4.43
N LEU A 224 4.05 3.12 3.83
CA LEU A 224 4.96 1.99 4.05
C LEU A 224 5.31 1.83 5.52
N GLY A 225 5.58 2.93 6.24
CA GLY A 225 5.87 2.80 7.67
C GLY A 225 4.72 2.12 8.41
N CYS A 226 3.49 2.52 8.07
CA CYS A 226 2.31 1.90 8.70
C CYS A 226 2.22 0.43 8.33
N ILE A 227 2.46 0.10 7.06
CA ILE A 227 2.33 -1.29 6.61
C ILE A 227 3.35 -2.15 7.32
N LEU A 228 4.59 -1.68 7.46
CA LEU A 228 5.63 -2.55 8.04
C LEU A 228 5.38 -2.84 9.50
N VAL A 229 4.89 -1.88 10.28
CA VAL A 229 4.52 -2.17 11.67
C VAL A 229 3.41 -3.19 11.72
N GLU A 230 2.39 -3.04 10.88
CA GLU A 230 1.31 -4.03 10.82
C GLU A 230 1.77 -5.41 10.38
N MET A 231 2.72 -5.49 9.46
CA MET A 231 3.25 -6.81 9.07
C MET A 231 3.87 -7.55 10.23
N HIS A 232 4.53 -6.82 11.13
CA HIS A 232 5.14 -7.49 12.27
C HIS A 232 4.23 -7.67 13.45
N THR A 233 3.29 -6.78 13.68
CA THR A 233 2.40 -6.95 14.85
C THR A 233 1.14 -7.73 14.55
N GLY A 234 0.77 -7.77 13.27
CA GLY A 234 -0.50 -8.39 12.88
C GLY A 234 -1.68 -7.49 12.80
N GLU A 235 -1.56 -6.24 13.24
CA GLU A 235 -2.71 -5.33 13.32
C GLU A 235 -2.36 -3.92 12.83
N PRO A 236 -3.34 -3.21 12.26
CA PRO A 236 -3.03 -1.87 11.78
C PRO A 236 -2.54 -0.96 12.90
N LEU A 237 -1.52 -0.16 12.58
CA LEU A 237 -0.95 0.77 13.51
C LEU A 237 -1.96 1.84 13.92
N PHE A 238 -2.61 2.41 12.92
CA PHE A 238 -3.54 3.52 13.12
C PHE A 238 -4.89 3.16 12.51
N SER A 239 -5.78 2.53 13.29
CA SER A 239 -7.04 2.03 12.73
C SER A 239 -8.20 2.99 12.95
N GLY A 240 -8.18 4.14 12.29
CA GLY A 240 -9.24 5.13 12.49
C GLY A 240 -10.55 4.75 11.85
N ALA A 241 -11.64 5.03 12.55
CA ALA A 241 -13.01 4.84 12.00
C ALA A 241 -13.44 5.96 11.08
N ASN A 242 -12.81 7.13 11.21
CA ASN A 242 -13.13 8.30 10.41
C ASN A 242 -11.89 9.19 10.44
N GLU A 243 -11.89 10.31 9.73
CA GLU A 243 -10.68 11.14 9.71
C GLU A 243 -10.26 11.70 11.05
N VAL A 244 -11.22 12.12 11.88
CA VAL A 244 -10.87 12.67 13.19
C VAL A 244 -10.27 11.57 14.06
N ASP A 245 -10.87 10.39 14.04
CA ASP A 245 -10.36 9.27 14.78
C ASP A 245 -8.96 8.86 14.27
N GLN A 246 -8.76 8.94 12.96
CA GLN A 246 -7.47 8.59 12.36
C GLN A 246 -6.39 9.54 12.87
N MET A 247 -6.63 10.84 12.80
CA MET A 247 -5.63 11.79 13.27
C MET A 247 -5.39 11.62 14.76
N ASN A 248 -6.44 11.35 15.53
CA ASN A 248 -6.24 11.14 16.95
C ASN A 248 -5.41 9.91 17.26
N LYS A 249 -5.59 8.83 16.49
CA LYS A 249 -4.77 7.62 16.67
C LYS A 249 -3.30 7.88 16.32
N ILE A 250 -3.08 8.66 15.27
CA ILE A 250 -1.71 9.06 14.92
C ILE A 250 -1.09 9.84 16.07
N VAL A 251 -1.85 10.79 16.64
CA VAL A 251 -1.35 11.66 17.68
C VAL A 251 -1.07 10.87 18.95
N GLU A 252 -1.83 9.81 19.24
CA GLU A 252 -1.50 8.98 20.43
C GLU A 252 -0.06 8.49 20.38
N VAL A 253 0.41 8.13 19.17
CA VAL A 253 1.76 7.58 19.02
C VAL A 253 2.83 8.63 18.81
N LEU A 254 2.52 9.65 18.02
CA LEU A 254 3.53 10.55 17.50
C LEU A 254 3.47 11.95 18.08
N GLY A 255 2.45 12.24 18.89
CA GLY A 255 2.30 13.57 19.48
C GLY A 255 1.67 14.58 18.56
N ILE A 256 1.51 15.80 19.06
CA ILE A 256 0.90 16.87 18.25
C ILE A 256 1.89 17.18 17.13
N PRO A 257 1.42 17.34 15.89
CA PRO A 257 2.29 17.72 14.79
C PRO A 257 2.94 19.06 15.03
N PRO A 258 4.08 19.33 14.40
CA PRO A 258 4.75 20.61 14.56
C PRO A 258 3.89 21.80 14.23
N ALA A 259 4.04 22.85 15.02
CA ALA A 259 3.32 24.09 14.79
C ALA A 259 3.58 24.65 13.40
N HIS A 260 4.79 24.49 12.87
CA HIS A 260 5.06 25.08 11.56
C HIS A 260 4.22 24.42 10.48
N ILE A 261 3.87 23.15 10.70
CA ILE A 261 2.99 22.45 9.79
C ILE A 261 1.55 22.86 10.00
N LEU A 262 1.10 22.83 11.25
CA LEU A 262 -0.30 23.15 11.56
C LEU A 262 -0.64 24.58 11.16
N ASP A 263 0.31 25.48 11.33
CA ASP A 263 0.11 26.88 10.95
C ASP A 263 -0.21 27.07 9.47
N GLN A 264 0.20 26.12 8.63
CA GLN A 264 -0.06 26.17 7.18
C GLN A 264 -1.09 25.14 6.70
N ALA A 265 -1.78 24.49 7.61
CA ALA A 265 -2.67 23.42 7.20
C ALA A 265 -4.10 23.91 7.07
N PRO A 266 -4.70 23.77 5.89
CA PRO A 266 -6.07 24.22 5.70
C PRO A 266 -7.04 23.54 6.65
N LYS A 267 -6.81 22.28 7.01
CA LYS A 267 -7.72 21.53 7.86
C LYS A 267 -7.25 21.38 9.30
N ALA A 268 -6.31 22.21 9.74
CA ALA A 268 -5.79 22.09 11.12
C ALA A 268 -6.89 22.09 12.15
N ARG A 269 -7.90 22.95 11.92
CA ARG A 269 -8.98 23.09 12.88
C ARG A 269 -10.03 21.99 12.89
N LYS A 270 -9.94 21.06 11.95
CA LYS A 270 -10.76 19.89 12.01
C LYS A 270 -10.36 19.03 13.22
N PHE A 271 -9.08 19.11 13.59
CA PHE A 271 -8.52 18.24 14.62
C PHE A 271 -7.94 18.96 15.83
N PHE A 272 -7.49 20.20 15.63
CA PHE A 272 -6.64 20.88 16.64
C PHE A 272 -7.16 22.27 16.93
N GLU A 273 -6.69 22.84 18.05
CA GLU A 273 -6.99 24.24 18.39
C GLU A 273 -5.69 24.97 18.69
N LYS A 274 -5.64 26.21 18.23
CA LYS A 274 -4.46 27.01 18.42
C LYS A 274 -4.63 27.84 19.67
N LEU A 275 -3.69 27.68 20.59
CA LEU A 275 -3.77 28.38 21.87
C LEU A 275 -3.22 29.79 21.82
N PRO A 276 -3.49 30.58 22.89
CA PRO A 276 -3.05 31.96 22.98
C PRO A 276 -1.55 32.14 22.75
N ASP A 277 -0.75 31.18 23.19
CA ASP A 277 0.70 31.29 23.04
C ASP A 277 1.18 30.78 21.68
N GLY A 278 0.22 30.32 20.87
CA GLY A 278 0.51 29.94 19.49
C GLY A 278 0.86 28.48 19.36
N THR A 279 0.87 27.75 20.46
CA THR A 279 1.03 26.31 20.38
C THR A 279 -0.33 25.68 20.02
N TRP A 280 -0.32 24.41 19.64
CA TRP A 280 -1.52 23.73 19.23
C TRP A 280 -1.82 22.57 20.12
N ASN A 281 -3.09 22.32 20.39
CA ASN A 281 -3.53 21.15 21.14
C ASN A 281 -4.63 20.45 20.39
N LEU A 282 -4.98 19.23 20.79
CA LEU A 282 -6.15 18.55 20.24
C LEU A 282 -7.44 19.22 20.64
N LYS A 283 -8.42 19.24 19.74
CA LYS A 283 -9.79 19.52 20.15
C LYS A 283 -10.29 18.37 21.03
N LYS A 284 -11.06 18.70 22.05
CA LYS A 284 -11.57 17.69 23.01
C LYS A 284 -12.55 16.73 22.35
N THR A 285 -12.66 15.52 22.91
CA THR A 285 -13.56 14.47 22.40
C THR A 285 -15.03 14.84 22.69
N LYS A 286 -15.95 14.20 21.97
CA LYS A 286 -17.39 14.36 22.19
C LYS A 286 -18.14 13.04 21.93
N GLU A 291 -12.14 8.53 24.78
CA GLU A 291 -11.11 9.47 25.23
C GLU A 291 -9.68 8.90 25.06
N TYR A 292 -8.86 9.60 24.29
CA TYR A 292 -7.62 9.02 23.76
C TYR A 292 -6.51 8.99 24.79
N LYS A 293 -5.50 8.15 24.59
CA LYS A 293 -4.25 8.24 25.36
C LYS A 293 -3.65 9.60 25.07
N PRO A 294 -3.08 10.26 26.09
CA PRO A 294 -2.51 11.57 25.86
C PRO A 294 -1.43 11.57 24.74
N PRO A 295 -1.25 12.70 24.07
CA PRO A 295 -0.38 12.75 22.86
C PRO A 295 1.00 12.17 23.07
N GLY A 296 1.38 11.22 22.22
CA GLY A 296 2.72 10.67 22.20
C GLY A 296 2.94 9.62 23.26
N THR A 297 1.93 9.28 24.06
CA THR A 297 2.12 8.30 25.16
C THR A 297 1.89 6.87 24.77
N ARG A 298 1.36 6.62 23.56
CA ARG A 298 1.23 5.24 23.08
C ARG A 298 2.49 4.96 22.29
N LYS A 299 3.55 4.55 22.97
CA LYS A 299 4.87 4.51 22.35
C LYS A 299 5.01 3.40 21.35
N LEU A 300 5.57 3.72 20.18
CA LEU A 300 5.90 2.71 19.20
C LEU A 300 6.88 1.70 19.81
N HIS A 301 7.71 2.19 20.72
CA HIS A 301 8.66 1.35 21.43
C HIS A 301 7.94 0.20 22.11
N ASN A 302 6.77 0.49 22.68
CA ASN A 302 5.94 -0.55 23.30
C ASN A 302 5.02 -1.34 22.38
N ILE A 303 4.52 -0.70 21.33
CA ILE A 303 3.71 -1.39 20.33
C ILE A 303 4.58 -2.49 19.71
N LEU A 304 5.83 -2.19 19.43
CA LEU A 304 6.75 -3.17 18.87
C LEU A 304 7.31 -4.14 19.90
N GLY A 305 7.21 -3.81 21.19
CA GLY A 305 7.79 -4.63 22.22
C GLY A 305 9.30 -4.66 22.16
N VAL A 306 9.93 -3.52 21.90
CA VAL A 306 11.38 -3.49 21.67
C VAL A 306 12.16 -4.19 22.79
N GLU A 307 11.80 -3.91 24.04
CA GLU A 307 12.52 -4.48 25.16
C GLU A 307 11.78 -5.59 25.87
N THR A 308 10.60 -5.94 25.39
CA THR A 308 9.73 -6.89 26.08
C THR A 308 9.29 -8.10 25.23
N GLY A 309 10.15 -8.53 24.31
CA GLY A 309 9.91 -9.78 23.57
C GLY A 309 9.04 -9.57 22.33
N GLY A 310 9.02 -8.35 21.80
CA GLY A 310 8.28 -8.14 20.55
C GLY A 310 6.78 -8.06 20.79
N PRO A 311 6.00 -8.03 19.69
CA PRO A 311 4.57 -7.78 19.87
C PRO A 311 3.91 -8.88 20.67
N GLY A 312 3.21 -8.44 21.72
CA GLY A 312 2.52 -9.35 22.63
C GLY A 312 3.45 -10.22 23.45
N GLY A 313 4.74 -9.92 23.40
CA GLY A 313 5.73 -10.70 24.10
C GLY A 313 5.96 -12.02 23.41
N ARG A 314 5.37 -12.19 22.22
CA ARG A 314 5.41 -13.47 21.53
C ARG A 314 6.73 -13.87 20.89
N ARG A 315 7.67 -12.93 20.75
CA ARG A 315 8.98 -13.24 20.17
C ARG A 315 10.06 -13.42 21.22
N ALA A 316 9.65 -13.44 22.49
CA ALA A 316 10.58 -13.75 23.57
C ALA A 316 11.10 -15.16 23.32
N GLY A 317 12.40 -15.31 23.40
CA GLY A 317 13.04 -16.62 23.27
C GLY A 317 13.18 -17.09 21.84
N GLU A 318 12.84 -16.23 20.88
CA GLU A 318 13.07 -16.51 19.48
C GLU A 318 14.33 -15.83 19.01
N SER A 319 15.06 -16.48 18.10
CA SER A 319 16.19 -15.86 17.43
C SER A 319 15.66 -14.83 16.45
N GLY A 320 16.53 -13.94 16.00
CA GLY A 320 16.19 -12.94 14.99
C GLY A 320 15.29 -11.81 15.51
N HIS A 321 15.24 -11.61 16.83
CA HIS A 321 14.32 -10.65 17.47
C HIS A 321 14.99 -9.98 18.68
N THR A 322 16.22 -9.53 18.52
CA THR A 322 16.96 -8.94 19.66
C THR A 322 16.56 -7.49 19.90
N VAL A 323 16.88 -6.98 21.09
CA VAL A 323 16.64 -5.59 21.40
C VAL A 323 17.32 -4.69 20.38
N ALA A 324 18.57 -4.98 20.04
CA ALA A 324 19.32 -4.18 19.10
C ALA A 324 18.64 -4.12 17.71
N ASP A 325 18.16 -5.27 17.23
CA ASP A 325 17.47 -5.24 15.95
C ASP A 325 16.13 -4.52 16.02
N TYR A 326 15.41 -4.66 17.14
CA TYR A 326 14.18 -3.89 17.28
C TYR A 326 14.45 -2.38 17.33
N LEU A 327 15.54 -1.93 17.96
CA LEU A 327 15.86 -0.52 17.96
C LEU A 327 16.10 0.03 16.55
N LYS A 328 16.77 -0.75 15.70
CA LYS A 328 16.98 -0.36 14.31
C LYS A 328 15.67 -0.27 13.56
N PHE A 329 14.77 -1.23 13.78
CA PHE A 329 13.48 -1.19 13.09
C PHE A 329 12.68 0.02 13.56
N LYS A 330 12.64 0.24 14.87
CA LYS A 330 11.93 1.39 15.41
C LYS A 330 12.45 2.68 14.82
N ASP A 331 13.76 2.83 14.71
CA ASP A 331 14.29 4.06 14.18
C ASP A 331 13.90 4.30 12.73
N LEU A 332 13.97 3.25 11.91
CA LEU A 332 13.56 3.39 10.52
C LEU A 332 12.09 3.75 10.41
N ILE A 333 11.23 3.07 11.18
CA ILE A 333 9.81 3.38 11.13
C ILE A 333 9.55 4.83 11.55
N LEU A 334 10.19 5.30 12.61
CA LEU A 334 9.99 6.69 13.01
C LEU A 334 10.40 7.69 11.94
N ARG A 335 11.43 7.35 11.18
CA ARG A 335 11.81 8.20 10.04
C ARG A 335 10.79 8.17 8.91
N MET A 336 10.12 7.03 8.70
CA MET A 336 9.05 6.92 7.69
C MET A 336 7.82 7.65 8.17
N LEU A 337 7.70 7.84 9.48
CA LEU A 337 6.49 8.45 10.06
C LEU A 337 6.77 9.86 10.53
N ASP A 338 7.81 10.48 9.98
CA ASP A 338 8.08 11.91 10.25
C ASP A 338 6.86 12.70 9.81
N TYR A 339 6.35 13.59 10.66
CA TYR A 339 5.21 14.43 10.24
C TYR A 339 5.55 15.36 9.08
N ASP A 340 6.83 15.74 8.93
CA ASP A 340 7.22 16.70 7.90
C ASP A 340 7.61 15.95 6.63
N PRO A 341 6.85 16.09 5.55
CA PRO A 341 7.13 15.34 4.32
C PRO A 341 8.44 15.76 3.66
N LYS A 342 8.99 16.91 4.05
CA LYS A 342 10.28 17.33 3.53
C LYS A 342 11.44 16.55 4.14
N THR A 343 11.30 16.16 5.40
CA THR A 343 12.39 15.50 6.09
C THR A 343 12.16 14.00 6.29
N ARG A 344 10.93 13.56 5.99
CA ARG A 344 10.62 12.12 6.05
C ARG A 344 11.67 11.36 5.22
N ILE A 345 12.07 10.18 5.70
CA ILE A 345 13.13 9.49 4.97
C ILE A 345 12.71 9.15 3.55
N GLN A 346 13.66 9.28 2.63
CA GLN A 346 13.41 8.99 1.23
C GLN A 346 13.97 7.63 0.84
N PRO A 347 13.50 7.02 -0.25
CA PRO A 347 13.88 5.64 -0.56
C PRO A 347 15.36 5.36 -0.62
N TYR A 348 16.15 6.26 -1.22
CA TYR A 348 17.58 6.01 -1.30
C TYR A 348 18.21 5.84 0.10
N TYR A 349 17.86 6.74 1.02
CA TYR A 349 18.40 6.68 2.36
C TYR A 349 17.79 5.57 3.20
N ALA A 350 16.51 5.24 2.98
CA ALA A 350 15.96 4.12 3.72
C ALA A 350 16.73 2.83 3.43
N LEU A 351 17.12 2.65 2.17
CA LEU A 351 17.85 1.45 1.76
C LEU A 351 19.23 1.37 2.42
N GLN A 352 19.82 2.53 2.74
CA GLN A 352 21.11 2.55 3.45
C GLN A 352 21.03 2.45 4.95
N HIS A 353 19.83 2.47 5.53
CA HIS A 353 19.64 2.50 6.98
C HIS A 353 20.21 1.25 7.63
N SER A 354 20.63 1.38 8.89
CA SER A 354 21.25 0.26 9.60
C SER A 354 20.31 -0.94 9.81
N PHE A 355 18.99 -0.76 9.68
CA PHE A 355 18.07 -1.91 9.72
C PHE A 355 18.43 -2.91 8.64
N PHE A 356 18.99 -2.44 7.52
CA PHE A 356 19.42 -3.30 6.44
C PHE A 356 20.91 -3.67 6.50
N LYS A 357 21.60 -3.28 7.57
CA LYS A 357 23.02 -3.67 7.71
C LYS A 357 23.11 -4.92 8.57
N LYS A 358 23.71 -5.95 8.02
CA LYS A 358 23.90 -7.21 8.78
C LYS A 358 24.93 -7.02 9.87
N THR A 359 24.67 -7.61 11.04
CA THR A 359 25.66 -7.62 12.15
C THR A 359 25.98 -9.05 12.64
N ALA A 360 26.61 -9.16 13.81
CA ALA A 360 27.00 -10.45 14.42
C ALA A 360 28.31 -10.94 13.83
S SO4 B . 25.72 -6.02 4.59
O1 SO4 B . 25.46 -7.48 4.59
O2 SO4 B . 25.74 -5.42 3.25
O3 SO4 B . 24.66 -5.30 5.38
O4 SO4 B . 27.06 -5.79 5.19
S SO4 C . 13.14 -16.39 0.64
O1 SO4 C . 14.36 -16.66 -0.15
O2 SO4 C . 11.93 -16.40 -0.24
O3 SO4 C . 12.94 -17.41 1.67
O4 SO4 C . 13.40 -15.09 1.29
S SO4 D . -14.69 12.48 8.99
O1 SO4 D . -14.55 13.73 8.22
O2 SO4 D . -14.06 11.32 8.30
O3 SO4 D . -16.10 12.07 9.22
O4 SO4 D . -14.06 12.72 10.37
S SO4 E . -21.49 4.62 -18.26
O1 SO4 E . -20.62 3.44 -18.45
O2 SO4 E . -21.51 5.40 -19.51
O3 SO4 E . -22.85 4.11 -17.92
O4 SO4 E . -21.00 5.56 -17.25
S SO4 F . -12.44 8.41 5.24
O1 SO4 F . -13.74 7.85 5.69
O2 SO4 F . -11.96 7.67 4.01
O3 SO4 F . -12.60 9.89 5.00
O4 SO4 F . -11.52 8.27 6.40
S SO4 G . 3.22 -9.32 -26.32
O1 SO4 G . 3.54 -10.26 -25.21
O2 SO4 G . 3.30 -10.03 -27.61
O3 SO4 G . 1.85 -8.79 -26.21
O4 SO4 G . 4.21 -8.21 -26.30
C7 9OF H . -3.17 -10.12 -9.71
C4 9OF H . -2.87 -12.74 -9.05
C5 9OF H . -5.06 -10.01 -8.09
C6 9OF H . -5.04 -8.63 -8.15
C3 9OF H . -6.10 -7.91 -7.56
C2 9OF H . -7.15 -9.95 -6.84
C1 9OF H . -6.11 -10.67 -7.43
C8 9OF H . -7.13 -8.58 -6.93
C9 9OF H . -3.98 -10.75 -8.75
C10 9OF H . -2.22 -10.96 -10.29
C11 9OF H . -3.92 -7.90 -8.83
C12 9OF H . -3.38 -8.64 -10.06
C13 9OF H . -4.37 -8.55 -11.19
C14 9OF H . -2.11 -7.86 -10.47
C15 9OF H . -9.19 -8.47 -5.83
N16 9OF H . -3.82 -12.06 -8.43
N17 9OF H . -2.07 -12.27 -9.99
N18 9OF H . -1.37 -10.51 -11.30
O19 9OF H . -8.11 -7.74 -6.37
C1 PGE I . -3.36 -4.87 -10.43
O1 PGE I . -2.44 -3.98 -10.93
C2 PGE I . -4.46 -4.05 -9.90
O2 PGE I . -5.09 -4.82 -8.95
C3 PGE I . -5.61 -3.95 -7.98
C4 PGE I . -6.28 -4.62 -6.83
O4 PGE I . -5.52 -7.84 -3.81
C6 PGE I . -4.86 -6.93 -4.66
C5 PGE I . -5.74 -5.69 -4.77
O3 PGE I . -5.31 -4.81 -5.81
#